data_6FFK
#
_entry.id   6FFK
#
_cell.length_a   156.850
_cell.length_b   35.370
_cell.length_c   114.590
_cell.angle_alpha   90.00
_cell.angle_beta   112.26
_cell.angle_gamma   90.00
#
_symmetry.space_group_name_H-M   'C 1 2 1'
#
loop_
_entity.id
_entity.type
_entity.pdbx_description
1 polymer 'Superoxide dismutase [Cu-Zn]'
2 non-polymer PtCl2(1(R),2(R)-DACH)
3 water water
#
_entity_poly.entity_id   1
_entity_poly.type   'polypeptide(L)'
_entity_poly.pdbx_seq_one_letter_code
;ATKAVCVLKGDGPVQGIINFEQKESNGPVKVWGSIKGLTEGLHGFHVHEFGDNTAGCTSAGPHFNPLSRKHGGPKDEERH
VGDLGNVTADKDGVADVSIEDSVISLSGDHCIIGRTLVVHEKADDLGKGGNEESTKTGNAGSRLACGVIGIAQ
;
_entity_poly.pdbx_strand_id   A,B,D,F
#
loop_
_chem_comp.id
_chem_comp.type
_chem_comp.name
_chem_comp.formula
D7Z non-polymer PtCl2(1(R),2(R)-DACH) 'C6 H12 Cl2 N2 Pt'
#
# COMPACT_ATOMS: atom_id res chain seq x y z
N ALA A 1 15.45 6.38 9.86
CA ALA A 1 14.37 6.94 10.67
C ALA A 1 13.46 7.86 9.84
N THR A 2 12.23 7.39 9.53
CA THR A 2 11.28 8.17 8.74
C THR A 2 10.67 9.28 9.61
N LYS A 3 10.58 10.48 9.03
CA LYS A 3 10.11 11.68 9.70
C LYS A 3 8.89 12.29 9.03
N ALA A 4 7.96 12.78 9.85
CA ALA A 4 6.76 13.46 9.39
C ALA A 4 6.55 14.77 10.17
N VAL A 5 5.79 15.70 9.59
CA VAL A 5 5.53 16.99 10.22
C VAL A 5 4.09 17.46 9.92
N CYS A 6 3.53 18.25 10.83
CA CYS A 6 2.20 18.79 10.68
C CYS A 6 2.13 20.24 11.16
N VAL A 7 1.60 21.12 10.31
CA VAL A 7 1.42 22.53 10.61
C VAL A 7 -0.06 22.72 10.89
N LEU A 8 -0.40 23.05 12.14
CA LEU A 8 -1.77 23.24 12.60
C LEU A 8 -2.20 24.69 12.39
N LYS A 9 -3.35 24.87 11.71
CA LYS A 9 -3.95 26.15 11.41
C LYS A 9 -5.48 26.01 11.39
N GLY A 10 -6.16 27.10 11.75
CA GLY A 10 -7.61 27.17 11.78
C GLY A 10 -8.16 28.55 11.49
N ASP A 11 -9.45 28.78 11.82
CA ASP A 11 -10.14 30.04 11.62
C ASP A 11 -9.94 30.99 12.81
N GLY A 12 -9.40 30.46 13.90
CA GLY A 12 -9.12 31.18 15.13
C GLY A 12 -7.63 31.47 15.33
N PRO A 13 -7.19 31.70 16.58
CA PRO A 13 -5.76 32.02 16.81
C PRO A 13 -4.85 30.79 17.00
N VAL A 14 -5.44 29.59 17.00
CA VAL A 14 -4.70 28.34 17.21
C VAL A 14 -3.77 28.04 16.05
N GLN A 15 -2.46 27.97 16.35
CA GLN A 15 -1.39 27.62 15.41
C GLN A 15 -0.29 26.80 16.10
N GLY A 16 0.16 25.75 15.44
CA GLY A 16 1.18 24.87 15.99
C GLY A 16 1.99 24.09 14.99
N ILE A 17 3.12 23.55 15.44
CA ILE A 17 4.02 22.69 14.65
C ILE A 17 4.21 21.39 15.41
N ILE A 18 3.89 20.25 14.77
CA ILE A 18 4.00 18.94 15.40
C ILE A 18 4.89 18.03 14.53
N ASN A 19 5.89 17.40 15.16
CA ASN A 19 6.84 16.50 14.51
C ASN A 19 6.49 15.05 14.85
N PHE A 20 6.82 14.13 13.93
CA PHE A 20 6.61 12.70 14.10
C PHE A 20 7.89 12.01 13.67
N GLU A 21 8.39 11.07 14.48
CA GLU A 21 9.60 10.32 14.16
C GLU A 21 9.46 8.85 14.51
N GLN A 22 9.70 7.97 13.53
CA GLN A 22 9.63 6.52 13.71
C GLN A 22 10.92 5.92 13.17
N LYS A 23 11.86 5.60 14.09
CA LYS A 23 13.18 5.03 13.81
C LYS A 23 13.11 3.65 13.17
N GLU A 24 12.18 2.79 13.63
CA GLU A 24 11.94 1.44 13.10
C GLU A 24 10.46 1.28 12.76
N SER A 25 10.15 0.61 11.62
CA SER A 25 8.80 0.36 11.10
C SER A 25 7.78 -0.15 12.13
N ASN A 26 8.21 -1.05 13.04
CA ASN A 26 7.38 -1.61 14.10
C ASN A 26 7.45 -0.79 15.40
N GLY A 27 8.53 -0.01 15.54
CA GLY A 27 8.81 0.82 16.71
C GLY A 27 7.84 1.96 16.98
N PRO A 28 7.92 2.59 18.18
CA PRO A 28 6.99 3.68 18.50
C PRO A 28 7.29 4.99 17.77
N VAL A 29 6.23 5.79 17.56
CA VAL A 29 6.31 7.09 16.91
C VAL A 29 6.45 8.18 17.98
N LYS A 30 7.57 8.92 17.92
CA LYS A 30 7.84 10.02 18.84
C LYS A 30 7.20 11.27 18.22
N VAL A 31 6.19 11.84 18.91
CA VAL A 31 5.46 13.03 18.47
C VAL A 31 5.75 14.19 19.44
N TRP A 32 6.33 15.28 18.91
CA TRP A 32 6.71 16.44 19.72
C TRP A 32 6.52 17.77 18.99
N GLY A 33 6.35 18.83 19.76
CA GLY A 33 6.18 20.17 19.21
C GLY A 33 5.49 21.11 20.18
N SER A 34 4.87 22.15 19.65
CA SER A 34 4.18 23.16 20.45
C SER A 34 2.96 23.73 19.72
N ILE A 35 1.90 24.03 20.50
CA ILE A 35 0.66 24.64 20.00
C ILE A 35 0.35 25.90 20.83
N LYS A 36 0.04 27.04 20.18
CA LYS A 36 -0.32 28.30 20.85
C LYS A 36 -1.76 28.75 20.50
N GLY A 37 -2.26 29.78 21.20
CA GLY A 37 -3.61 30.32 21.02
C GLY A 37 -4.71 29.45 21.61
N LEU A 38 -4.34 28.58 22.55
CA LEU A 38 -5.22 27.62 23.23
C LEU A 38 -5.71 28.16 24.55
N THR A 39 -6.93 27.79 24.95
CA THR A 39 -7.46 28.13 26.26
C THR A 39 -6.73 27.19 27.24
N GLU A 40 -6.46 27.66 28.46
CA GLU A 40 -5.77 26.87 29.50
C GLU A 40 -6.53 25.57 29.77
N GLY A 41 -5.79 24.48 29.94
CA GLY A 41 -6.34 23.17 30.21
C GLY A 41 -6.09 22.14 29.12
N LEU A 42 -6.84 21.04 29.17
CA LEU A 42 -6.73 19.91 28.25
C LEU A 42 -7.50 20.12 26.94
N HIS A 43 -6.96 19.60 25.83
CA HIS A 43 -7.57 19.69 24.50
C HIS A 43 -7.40 18.39 23.74
N GLY A 44 -8.50 17.87 23.20
CA GLY A 44 -8.49 16.66 22.39
C GLY A 44 -7.47 16.77 21.27
N PHE A 45 -6.67 15.70 21.08
CA PHE A 45 -5.59 15.67 20.08
C PHE A 45 -5.75 14.37 19.28
N HIS A 46 -6.38 14.47 18.08
CA HIS A 46 -6.75 13.31 17.29
C HIS A 46 -6.30 13.32 15.82
N VAL A 47 -6.00 12.13 15.29
CA VAL A 47 -5.71 11.93 13.87
C VAL A 47 -7.04 11.55 13.24
N HIS A 48 -7.48 12.36 12.27
CA HIS A 48 -8.72 12.20 11.51
C HIS A 48 -8.39 11.54 10.19
N GLU A 49 -9.36 10.82 9.60
CA GLU A 49 -9.18 9.96 8.44
C GLU A 49 -8.65 10.63 7.17
N PHE A 50 -9.19 11.79 6.79
CA PHE A 50 -8.79 12.40 5.52
C PHE A 50 -7.89 13.59 5.62
N GLY A 51 -6.94 13.67 4.68
CA GLY A 51 -6.04 14.81 4.51
C GLY A 51 -6.68 15.83 3.61
N ASP A 52 -7.99 16.08 3.82
CA ASP A 52 -8.82 16.97 3.01
C ASP A 52 -9.15 18.25 3.80
N ASN A 53 -8.63 19.39 3.35
CA ASN A 53 -8.89 20.67 4.01
C ASN A 53 -9.72 21.60 3.10
N THR A 54 -10.51 21.06 2.15
CA THR A 54 -11.30 21.89 1.21
C THR A 54 -12.39 22.74 1.86
N ALA A 55 -12.94 22.28 2.99
CA ALA A 55 -13.97 22.98 3.75
C ALA A 55 -13.48 23.15 5.20
N GLY A 56 -12.20 23.51 5.36
CA GLY A 56 -11.58 23.66 6.67
C GLY A 56 -11.36 22.31 7.35
N CYS A 57 -11.34 22.29 8.69
CA CYS A 57 -11.11 21.08 9.50
C CYS A 57 -12.27 20.05 9.43
N THR A 58 -13.50 20.48 9.04
CA THR A 58 -14.68 19.61 8.88
C THR A 58 -14.46 18.52 7.79
N SER A 59 -13.80 18.89 6.67
CA SER A 59 -13.56 17.98 5.54
C SER A 59 -12.58 16.84 5.89
N ALA A 60 -11.89 16.90 7.06
CA ALA A 60 -10.99 15.85 7.52
C ALA A 60 -11.76 14.57 7.93
N GLY A 61 -13.07 14.71 8.11
CA GLY A 61 -13.97 13.61 8.44
C GLY A 61 -13.85 13.08 9.84
N PRO A 62 -14.19 11.78 10.04
CA PRO A 62 -14.14 11.22 11.40
C PRO A 62 -12.74 10.86 11.86
N HIS A 63 -12.61 10.32 13.08
CA HIS A 63 -11.33 9.86 13.64
C HIS A 63 -10.76 8.76 12.76
N PHE A 64 -9.42 8.64 12.73
CA PHE A 64 -8.78 7.56 11.97
C PHE A 64 -8.94 6.30 12.82
N ASN A 65 -9.86 5.44 12.40
CA ASN A 65 -10.25 4.23 13.11
C ASN A 65 -10.41 3.09 12.11
N PRO A 66 -9.30 2.54 11.53
CA PRO A 66 -9.45 1.46 10.53
C PRO A 66 -9.90 0.11 11.11
N LEU A 67 -9.62 -0.12 12.41
CA LEU A 67 -9.99 -1.37 13.09
C LEU A 67 -11.41 -1.34 13.69
N SER A 68 -12.18 -0.24 13.41
CA SER A 68 -13.56 -0.03 13.86
C SER A 68 -13.77 -0.26 15.38
N ARG A 69 -12.87 0.29 16.20
CA ARG A 69 -12.93 0.15 17.67
C ARG A 69 -13.65 1.35 18.29
N LYS A 70 -13.99 1.24 19.57
CA LYS A 70 -14.62 2.32 20.34
C LYS A 70 -13.54 3.34 20.72
N HIS A 71 -13.93 4.59 20.93
CA HIS A 71 -13.00 5.64 21.33
C HIS A 71 -12.48 5.36 22.77
N GLY A 72 -11.21 5.65 23.00
CA GLY A 72 -10.55 5.49 24.30
C GLY A 72 -9.32 6.37 24.40
N GLY A 73 -8.62 6.28 25.52
CA GLY A 73 -7.38 7.01 25.74
C GLY A 73 -6.22 6.31 25.04
N PRO A 74 -5.06 6.98 24.82
CA PRO A 74 -3.94 6.32 24.11
C PRO A 74 -3.33 5.11 24.82
N LYS A 75 -3.49 5.03 26.16
CA LYS A 75 -2.98 3.92 26.97
C LYS A 75 -3.91 2.69 26.96
N ASP A 76 -5.15 2.85 26.45
CA ASP A 76 -6.16 1.78 26.40
C ASP A 76 -5.97 0.82 25.24
N GLU A 77 -6.43 -0.43 25.42
CA GLU A 77 -6.41 -1.48 24.40
C GLU A 77 -7.54 -1.16 23.39
N GLU A 78 -8.70 -0.71 23.89
CA GLU A 78 -9.84 -0.32 23.07
C GLU A 78 -9.72 1.17 22.76
N ARG A 79 -9.22 1.48 21.56
CA ARG A 79 -9.02 2.86 21.08
C ARG A 79 -8.95 2.90 19.56
N HIS A 80 -9.22 4.07 18.98
CA HIS A 80 -9.05 4.29 17.53
C HIS A 80 -7.55 4.42 17.31
N VAL A 81 -7.07 4.20 16.08
CA VAL A 81 -5.64 4.41 15.79
C VAL A 81 -5.28 5.91 16.07
N GLY A 82 -6.18 6.81 15.70
CA GLY A 82 -5.99 8.25 15.87
C GLY A 82 -6.15 8.81 17.27
N ASP A 83 -6.49 7.98 18.28
CA ASP A 83 -6.72 8.44 19.67
C ASP A 83 -5.42 8.80 20.41
N LEU A 84 -4.92 10.03 20.20
CA LEU A 84 -3.69 10.47 20.84
C LEU A 84 -3.90 11.23 22.15
N GLY A 85 -5.11 11.12 22.69
CA GLY A 85 -5.49 11.74 23.97
C GLY A 85 -5.59 13.25 23.99
N ASN A 86 -4.96 13.85 25.00
CA ASN A 86 -4.98 15.29 25.25
C ASN A 86 -3.61 15.93 25.31
N VAL A 87 -3.56 17.20 24.91
CA VAL A 87 -2.38 18.06 25.05
C VAL A 87 -2.71 19.05 26.17
N THR A 88 -1.72 19.53 26.92
CA THR A 88 -2.01 20.46 28.01
C THR A 88 -1.41 21.85 27.75
N ALA A 89 -2.29 22.86 27.69
CA ALA A 89 -1.95 24.27 27.49
C ALA A 89 -1.80 24.95 28.86
N ASP A 90 -0.72 25.76 29.02
CA ASP A 90 -0.47 26.53 30.24
C ASP A 90 -1.33 27.81 30.26
N LYS A 91 -1.17 28.65 31.32
CA LYS A 91 -1.89 29.93 31.49
C LYS A 91 -1.65 30.94 30.35
N ASP A 92 -0.55 30.78 29.59
CA ASP A 92 -0.17 31.64 28.47
C ASP A 92 -0.67 31.10 27.11
N GLY A 93 -1.44 30.02 27.17
CA GLY A 93 -2.01 29.37 25.99
C GLY A 93 -1.11 28.44 25.21
N VAL A 94 0.09 28.12 25.76
CA VAL A 94 1.09 27.28 25.10
C VAL A 94 1.03 25.82 25.59
N ALA A 95 0.92 24.88 24.64
CA ALA A 95 0.88 23.43 24.91
C ALA A 95 2.15 22.77 24.40
N ASP A 96 3.02 22.34 25.32
CA ASP A 96 4.26 21.63 24.99
C ASP A 96 3.90 20.16 24.81
N VAL A 97 4.19 19.62 23.62
CA VAL A 97 3.85 18.23 23.26
C VAL A 97 5.07 17.33 23.23
N SER A 98 5.01 16.21 23.97
CA SER A 98 6.06 15.18 24.02
C SER A 98 5.35 13.84 24.31
N ILE A 99 4.88 13.20 23.22
CA ILE A 99 4.13 11.94 23.25
C ILE A 99 4.91 10.86 22.50
N GLU A 100 4.77 9.62 22.98
CA GLU A 100 5.32 8.41 22.36
C GLU A 100 4.13 7.47 22.20
N ASP A 101 3.86 7.02 20.95
CA ASP A 101 2.73 6.14 20.65
C ASP A 101 3.15 4.95 19.79
N SER A 102 2.64 3.77 20.16
CA SER A 102 2.94 2.51 19.47
C SER A 102 1.76 1.98 18.63
N VAL A 103 0.68 2.76 18.48
CA VAL A 103 -0.51 2.38 17.68
C VAL A 103 -0.45 3.09 16.31
N ILE A 104 -0.15 4.41 16.30
CA ILE A 104 0.05 5.14 15.05
C ILE A 104 1.34 4.64 14.41
N SER A 105 1.49 4.86 13.11
CA SER A 105 2.68 4.47 12.37
C SER A 105 2.88 5.42 11.20
N LEU A 106 4.10 5.46 10.66
CA LEU A 106 4.43 6.27 9.48
C LEU A 106 4.60 5.33 8.26
N SER A 107 4.06 4.09 8.38
CA SER A 107 4.05 3.03 7.35
C SER A 107 2.98 1.98 7.70
N GLY A 108 2.65 1.09 6.76
CA GLY A 108 1.68 0.01 6.98
C GLY A 108 0.22 0.43 7.06
N ASP A 109 -0.64 -0.49 7.53
CA ASP A 109 -2.09 -0.28 7.65
C ASP A 109 -2.48 0.92 8.53
N HIS A 110 -1.67 1.24 9.55
CA HIS A 110 -1.93 2.33 10.48
C HIS A 110 -1.18 3.63 10.12
N CYS A 111 -0.68 3.75 8.86
CA CYS A 111 0.04 4.95 8.43
C CYS A 111 -0.82 6.22 8.49
N ILE A 112 -0.27 7.28 9.10
CA ILE A 112 -1.01 8.54 9.28
C ILE A 112 -0.53 9.64 8.32
N ILE A 113 0.45 9.34 7.46
CA ILE A 113 0.93 10.29 6.46
C ILE A 113 -0.21 10.54 5.49
N GLY A 114 -0.47 11.82 5.22
CA GLY A 114 -1.53 12.25 4.33
C GLY A 114 -2.88 12.31 4.99
N ARG A 115 -2.95 12.04 6.31
CA ARG A 115 -4.17 12.14 7.10
C ARG A 115 -4.10 13.50 7.82
N THR A 116 -5.11 13.84 8.64
CA THR A 116 -5.12 15.15 9.30
C THR A 116 -4.97 15.06 10.81
N LEU A 117 -4.05 15.85 11.39
CA LEU A 117 -3.95 15.96 12.85
C LEU A 117 -4.83 17.14 13.26
N VAL A 118 -5.69 16.96 14.28
CA VAL A 118 -6.63 17.98 14.75
C VAL A 118 -6.49 18.23 16.26
N VAL A 119 -6.42 19.52 16.65
CA VAL A 119 -6.45 19.96 18.06
C VAL A 119 -7.87 20.49 18.30
N HIS A 120 -8.57 19.90 19.27
CA HIS A 120 -9.96 20.20 19.59
C HIS A 120 -10.21 21.28 20.66
N GLU A 121 -11.45 21.78 20.67
CA GLU A 121 -11.98 22.84 21.53
C GLU A 121 -11.95 22.52 23.02
N LYS A 122 -12.35 21.28 23.40
CA LYS A 122 -12.46 20.84 24.79
C LYS A 122 -11.62 19.60 25.04
N ALA A 123 -11.51 19.21 26.32
CA ALA A 123 -10.77 18.02 26.73
C ALA A 123 -11.41 16.74 26.15
N ASP A 124 -10.56 15.79 25.77
CA ASP A 124 -10.99 14.46 25.37
C ASP A 124 -11.27 13.69 26.70
N ASP A 125 -12.51 13.19 26.90
CA ASP A 125 -12.88 12.47 28.15
C ASP A 125 -12.38 11.01 28.17
N LEU A 126 -11.70 10.59 27.07
CA LEU A 126 -11.04 9.29 26.86
C LEU A 126 -12.00 8.07 26.94
N GLY A 127 -13.26 8.28 26.55
CA GLY A 127 -14.29 7.25 26.59
C GLY A 127 -14.94 7.05 27.96
N LYS A 128 -14.56 7.88 28.95
CA LYS A 128 -15.06 7.80 30.34
C LYS A 128 -15.98 8.96 30.70
N GLY A 129 -16.68 9.49 29.70
CA GLY A 129 -17.59 10.63 29.85
C GLY A 129 -19.00 10.29 30.28
N GLY A 130 -19.39 9.02 30.17
CA GLY A 130 -20.71 8.55 30.58
C GLY A 130 -21.86 8.73 29.62
N ASN A 131 -21.59 9.02 28.34
CA ASN A 131 -22.64 9.16 27.33
C ASN A 131 -22.25 8.51 26.01
N GLU A 132 -23.21 8.42 25.07
CA GLU A 132 -23.02 7.81 23.75
C GLU A 132 -21.91 8.50 22.95
N GLU A 133 -21.81 9.84 23.05
CA GLU A 133 -20.80 10.62 22.31
C GLU A 133 -19.36 10.38 22.80
N SER A 134 -19.21 10.05 24.08
CA SER A 134 -17.93 9.77 24.74
C SER A 134 -17.16 8.61 24.09
N THR A 135 -17.89 7.56 23.67
CA THR A 135 -17.37 6.34 23.05
C THR A 135 -17.15 6.53 21.52
N LYS A 136 -17.51 7.70 20.99
CA LYS A 136 -17.38 8.05 19.58
C LYS A 136 -16.27 9.07 19.36
N THR A 137 -16.33 10.24 20.03
CA THR A 137 -15.36 11.31 19.84
C THR A 137 -14.66 11.79 21.12
N GLY A 138 -15.14 11.33 22.27
CA GLY A 138 -14.60 11.74 23.56
C GLY A 138 -15.05 13.11 24.02
N ASN A 139 -16.11 13.67 23.38
CA ASN A 139 -16.69 14.98 23.66
C ASN A 139 -15.66 16.12 23.58
N ALA A 140 -14.69 16.00 22.64
CA ALA A 140 -13.63 16.99 22.47
C ALA A 140 -14.10 18.28 21.78
N GLY A 141 -15.35 18.29 21.31
CA GLY A 141 -15.99 19.45 20.70
C GLY A 141 -15.47 19.83 19.34
N SER A 142 -15.49 21.16 19.06
CA SER A 142 -15.09 21.80 17.81
C SER A 142 -13.62 21.58 17.41
N ARG A 143 -13.34 21.77 16.13
CA ARG A 143 -11.99 21.59 15.58
C ARG A 143 -11.32 22.96 15.49
N LEU A 144 -10.44 23.26 16.47
CA LEU A 144 -9.76 24.57 16.53
C LEU A 144 -8.75 24.77 15.39
N ALA A 145 -7.88 23.77 15.19
CA ALA A 145 -6.85 23.82 14.16
C ALA A 145 -6.52 22.42 13.65
N CYS A 146 -6.12 22.34 12.36
CA CYS A 146 -5.79 21.08 11.70
C CYS A 146 -4.70 21.30 10.66
N GLY A 147 -4.08 20.22 10.25
CA GLY A 147 -3.07 20.22 9.19
C GLY A 147 -2.87 18.82 8.66
N VAL A 148 -2.49 18.71 7.39
CA VAL A 148 -2.25 17.42 6.78
C VAL A 148 -0.86 16.94 7.24
N ILE A 149 -0.74 15.67 7.64
CA ILE A 149 0.53 15.08 8.09
C ILE A 149 1.38 14.77 6.85
N GLY A 150 2.48 15.51 6.71
CA GLY A 150 3.37 15.36 5.56
C GLY A 150 4.73 14.79 5.87
N ILE A 151 5.41 14.25 4.84
CA ILE A 151 6.76 13.70 4.93
C ILE A 151 7.76 14.84 5.21
N ALA A 152 8.67 14.64 6.19
CA ALA A 152 9.66 15.63 6.59
C ALA A 152 11.12 15.17 6.38
N GLN A 153 12.08 16.12 6.46
CA GLN A 153 13.51 15.86 6.34
C GLN A 153 14.10 15.45 7.69
N ALA B 1 -10.26 2.41 -6.10
CA ALA B 1 -9.68 3.64 -6.64
C ALA B 1 -9.20 4.57 -5.52
N THR B 2 -7.89 4.91 -5.52
CA THR B 2 -7.28 5.77 -4.52
C THR B 2 -7.42 7.24 -4.96
N LYS B 3 -7.88 8.07 -4.02
CA LYS B 3 -8.14 9.48 -4.25
C LYS B 3 -7.33 10.35 -3.29
N ALA B 4 -6.90 11.51 -3.78
CA ALA B 4 -6.14 12.47 -2.98
C ALA B 4 -6.58 13.89 -3.33
N VAL B 5 -6.24 14.84 -2.48
CA VAL B 5 -6.62 16.24 -2.68
C VAL B 5 -5.53 17.15 -2.13
N CYS B 6 -5.40 18.34 -2.71
CA CYS B 6 -4.45 19.36 -2.30
C CYS B 6 -5.11 20.75 -2.36
N VAL B 7 -5.02 21.51 -1.25
CA VAL B 7 -5.56 22.85 -1.13
C VAL B 7 -4.34 23.77 -1.22
N LEU B 8 -4.28 24.61 -2.26
CA LEU B 8 -3.17 25.52 -2.51
C LEU B 8 -3.44 26.86 -1.86
N LYS B 9 -2.51 27.30 -1.02
CA LYS B 9 -2.56 28.57 -0.30
C LYS B 9 -1.17 29.20 -0.27
N GLY B 10 -1.13 30.51 -0.35
CA GLY B 10 0.10 31.30 -0.34
C GLY B 10 -0.06 32.67 0.29
N ASP B 11 1.01 33.49 0.29
CA ASP B 11 1.01 34.82 0.91
C ASP B 11 0.23 35.88 0.12
N GLY B 12 -0.07 35.60 -1.14
CA GLY B 12 -0.80 36.51 -2.02
C GLY B 12 -2.24 36.05 -2.27
N PRO B 13 -2.81 36.38 -3.47
CA PRO B 13 -4.19 35.94 -3.76
C PRO B 13 -4.30 34.55 -4.40
N VAL B 14 -3.16 33.86 -4.62
CA VAL B 14 -3.14 32.55 -5.25
C VAL B 14 -3.77 31.49 -4.35
N GLN B 15 -4.86 30.88 -4.83
CA GLN B 15 -5.58 29.79 -4.13
C GLN B 15 -6.17 28.79 -5.12
N GLY B 16 -6.33 27.55 -4.68
CA GLY B 16 -6.87 26.50 -5.54
C GLY B 16 -7.07 25.15 -4.89
N ILE B 17 -7.84 24.30 -5.56
CA ILE B 17 -8.16 22.94 -5.11
C ILE B 17 -7.77 21.99 -6.23
N ILE B 18 -6.85 21.05 -5.94
CA ILE B 18 -6.39 20.07 -6.92
C ILE B 18 -6.71 18.65 -6.44
N ASN B 19 -7.42 17.91 -7.29
CA ASN B 19 -7.83 16.54 -7.00
C ASN B 19 -6.94 15.59 -7.78
N PHE B 20 -6.71 14.39 -7.22
CA PHE B 20 -5.93 13.32 -7.83
C PHE B 20 -6.73 12.03 -7.69
N GLU B 21 -6.74 11.20 -8.73
CA GLU B 21 -7.41 9.90 -8.74
C GLU B 21 -6.62 8.89 -9.57
N GLN B 22 -6.37 7.70 -8.98
CA GLN B 22 -5.65 6.61 -9.61
C GLN B 22 -6.48 5.35 -9.36
N LYS B 23 -7.23 4.92 -10.38
CA LYS B 23 -8.12 3.76 -10.30
C LYS B 23 -7.36 2.43 -10.21
N GLU B 24 -6.16 2.36 -10.84
CA GLU B 24 -5.30 1.17 -10.79
C GLU B 24 -3.89 1.60 -10.32
N SER B 25 -3.28 0.81 -9.40
CA SER B 25 -1.95 1.08 -8.82
C SER B 25 -0.80 1.21 -9.85
N ASN B 26 -0.93 0.53 -11.00
CA ASN B 26 0.07 0.56 -12.07
C ASN B 26 -0.42 1.38 -13.28
N GLY B 27 -1.52 2.12 -13.08
CA GLY B 27 -2.13 2.97 -14.10
C GLY B 27 -1.90 4.46 -13.86
N PRO B 28 -2.31 5.32 -14.83
CA PRO B 28 -2.09 6.76 -14.67
C PRO B 28 -2.91 7.47 -13.58
N VAL B 29 -2.38 8.58 -13.08
CA VAL B 29 -3.05 9.43 -12.09
C VAL B 29 -3.70 10.60 -12.83
N LYS B 30 -5.01 10.78 -12.62
CA LYS B 30 -5.78 11.91 -13.16
C LYS B 30 -5.66 13.05 -12.15
N VAL B 31 -5.26 14.24 -12.61
CA VAL B 31 -5.11 15.40 -11.76
C VAL B 31 -5.90 16.56 -12.36
N TRP B 32 -6.93 17.02 -11.62
CA TRP B 32 -7.84 18.07 -12.08
C TRP B 32 -8.24 19.05 -10.99
N GLY B 33 -8.72 20.22 -11.40
CA GLY B 33 -9.17 21.26 -10.48
C GLY B 33 -9.04 22.65 -11.06
N SER B 34 -8.98 23.65 -10.17
CA SER B 34 -8.86 25.06 -10.59
C SER B 34 -8.00 25.87 -9.62
N ILE B 35 -7.20 26.82 -10.15
CA ILE B 35 -6.34 27.73 -9.39
C ILE B 35 -6.66 29.17 -9.85
N LYS B 36 -6.89 30.09 -8.89
CA LYS B 36 -7.17 31.50 -9.15
C LYS B 36 -6.09 32.42 -8.53
N GLY B 37 -6.11 33.70 -8.92
CA GLY B 37 -5.17 34.73 -8.43
C GLY B 37 -3.81 34.71 -9.09
N LEU B 38 -3.73 34.06 -10.26
CA LEU B 38 -2.50 33.92 -11.05
C LEU B 38 -2.39 35.04 -12.08
N THR B 39 -1.15 35.33 -12.51
CA THR B 39 -0.92 36.25 -13.61
C THR B 39 -1.26 35.44 -14.86
N GLU B 40 -1.65 36.10 -15.95
CA GLU B 40 -1.98 35.44 -17.22
C GLU B 40 -0.73 34.75 -17.77
N GLY B 41 -0.90 33.54 -18.30
CA GLY B 41 0.19 32.77 -18.87
C GLY B 41 0.45 31.46 -18.16
N LEU B 42 1.61 30.86 -18.46
CA LEU B 42 2.06 29.57 -17.92
C LEU B 42 2.73 29.69 -16.56
N HIS B 43 2.47 28.70 -15.66
CA HIS B 43 3.01 28.60 -14.31
C HIS B 43 3.49 27.18 -14.00
N GLY B 44 4.74 27.06 -13.56
CA GLY B 44 5.35 25.80 -13.15
C GLY B 44 4.48 25.10 -12.12
N PHE B 45 4.14 23.82 -12.38
CA PHE B 45 3.24 23.03 -11.54
C PHE B 45 4.02 21.78 -11.13
N HIS B 46 4.57 21.80 -9.90
CA HIS B 46 5.45 20.73 -9.45
C HIS B 46 5.15 20.10 -8.11
N VAL B 47 5.50 18.80 -7.98
CA VAL B 47 5.45 18.06 -6.72
C VAL B 47 6.86 18.17 -6.13
N HIS B 48 6.95 18.77 -4.94
CA HIS B 48 8.17 18.95 -4.16
C HIS B 48 8.23 17.83 -3.12
N GLU B 49 9.45 17.45 -2.71
CA GLU B 49 9.75 16.30 -1.86
C GLU B 49 9.06 16.25 -0.49
N PHE B 50 9.07 17.37 0.25
CA PHE B 50 8.54 17.34 1.61
C PHE B 50 7.20 17.99 1.79
N GLY B 51 6.36 17.35 2.62
CA GLY B 51 5.05 17.86 3.03
C GLY B 51 5.25 18.72 4.26
N ASP B 52 6.26 19.60 4.19
CA ASP B 52 6.66 20.49 5.27
C ASP B 52 6.33 21.94 4.91
N ASN B 53 5.42 22.58 5.67
CA ASN B 53 5.06 23.98 5.43
C ASN B 53 5.34 24.83 6.71
N THR B 54 6.37 24.44 7.49
CA THR B 54 6.74 25.12 8.75
C THR B 54 7.20 26.57 8.53
N ALA B 55 7.92 26.82 7.43
CA ALA B 55 8.40 28.15 7.06
C ALA B 55 7.88 28.50 5.67
N GLY B 56 6.58 28.28 5.45
CA GLY B 56 5.95 28.54 4.15
C GLY B 56 6.32 27.51 3.09
N CYS B 57 6.09 27.87 1.81
CA CYS B 57 6.33 26.99 0.66
C CYS B 57 7.81 26.60 0.46
N THR B 58 8.76 27.38 1.00
CA THR B 58 10.19 27.10 0.90
C THR B 58 10.59 25.80 1.64
N SER B 59 9.91 25.47 2.76
CA SER B 59 10.24 24.27 3.56
C SER B 59 9.86 22.94 2.85
N ALA B 60 9.15 23.01 1.71
CA ALA B 60 8.77 21.86 0.89
C ALA B 60 10.01 21.25 0.24
N GLY B 61 11.11 22.00 0.22
CA GLY B 61 12.39 21.59 -0.31
C GLY B 61 12.42 21.52 -1.82
N PRO B 62 13.33 20.69 -2.39
CA PRO B 62 13.44 20.63 -3.86
C PRO B 62 12.34 19.82 -4.51
N HIS B 63 12.39 19.67 -5.85
CA HIS B 63 11.43 18.87 -6.60
C HIS B 63 11.51 17.40 -6.16
N PHE B 64 10.36 16.68 -6.15
CA PHE B 64 10.37 15.26 -5.80
C PHE B 64 11.08 14.51 -6.94
N ASN B 65 12.30 14.04 -6.65
CA ASN B 65 13.19 13.39 -7.62
C ASN B 65 13.87 12.15 -6.96
N PRO B 66 13.10 11.06 -6.72
CA PRO B 66 13.72 9.88 -6.07
C PRO B 66 14.69 9.09 -6.95
N LEU B 67 14.64 9.30 -8.28
CA LEU B 67 15.52 8.65 -9.26
C LEU B 67 16.77 9.46 -9.62
N SER B 68 16.92 10.69 -9.05
CA SER B 68 18.04 11.63 -9.24
C SER B 68 18.34 11.90 -10.72
N ARG B 69 17.31 12.33 -11.46
CA ARG B 69 17.37 12.63 -12.88
C ARG B 69 17.41 14.13 -13.11
N LYS B 70 17.64 14.54 -14.36
CA LYS B 70 17.63 15.95 -14.76
C LYS B 70 16.16 16.38 -14.86
N HIS B 71 15.92 17.67 -14.70
CA HIS B 71 14.60 18.29 -14.82
C HIS B 71 14.16 18.33 -16.28
N GLY B 72 12.88 18.03 -16.52
CA GLY B 72 12.31 18.05 -17.86
C GLY B 72 10.80 18.27 -17.84
N GLY B 73 10.17 18.15 -19.00
CA GLY B 73 8.72 18.28 -19.12
C GLY B 73 8.04 16.96 -18.76
N PRO B 74 6.69 16.93 -18.60
CA PRO B 74 6.02 15.66 -18.23
C PRO B 74 6.08 14.56 -19.30
N LYS B 75 6.12 14.93 -20.59
CA LYS B 75 6.22 13.98 -21.72
C LYS B 75 7.65 13.49 -21.98
N ASP B 76 8.65 13.99 -21.23
CA ASP B 76 10.06 13.61 -21.39
C ASP B 76 10.43 12.32 -20.63
N GLU B 77 11.41 11.56 -21.17
CA GLU B 77 11.91 10.34 -20.52
C GLU B 77 12.80 10.75 -19.32
N GLU B 78 13.59 11.82 -19.50
CA GLU B 78 14.46 12.39 -18.47
C GLU B 78 13.67 13.53 -17.78
N ARG B 79 13.14 13.22 -16.60
CA ARG B 79 12.33 14.14 -15.78
C ARG B 79 12.32 13.66 -14.34
N HIS B 80 12.03 14.58 -13.41
CA HIS B 80 11.86 14.24 -12.00
C HIS B 80 10.46 13.62 -11.91
N VAL B 81 10.18 12.85 -10.85
CA VAL B 81 8.83 12.34 -10.63
C VAL B 81 7.83 13.54 -10.50
N GLY B 82 8.26 14.61 -9.84
CA GLY B 82 7.44 15.82 -9.62
C GLY B 82 7.28 16.78 -10.79
N ASP B 83 7.92 16.48 -11.95
CA ASP B 83 7.87 17.33 -13.15
C ASP B 83 6.53 17.28 -13.88
N LEU B 84 5.51 18.03 -13.37
CA LEU B 84 4.18 18.05 -13.97
C LEU B 84 3.98 19.19 -14.97
N GLY B 85 5.07 19.87 -15.33
CA GLY B 85 5.07 20.93 -16.32
C GLY B 85 4.43 22.23 -15.89
N ASN B 86 3.50 22.72 -16.73
CA ASN B 86 2.83 24.00 -16.55
C ASN B 86 1.33 23.92 -16.57
N VAL B 87 0.72 24.89 -15.88
CA VAL B 87 -0.71 25.15 -15.87
C VAL B 87 -0.89 26.48 -16.58
N THR B 88 -1.93 26.64 -17.39
CA THR B 88 -2.13 27.90 -18.11
C THR B 88 -3.33 28.65 -17.51
N ALA B 89 -3.08 29.89 -17.07
CA ALA B 89 -4.06 30.80 -16.50
C ALA B 89 -4.57 31.74 -17.58
N ASP B 90 -5.89 31.94 -17.63
CA ASP B 90 -6.54 32.84 -18.59
C ASP B 90 -6.32 34.34 -18.24
N LYS B 91 -7.02 35.26 -18.94
CA LYS B 91 -6.93 36.70 -18.70
C LYS B 91 -7.42 37.10 -17.30
N ASP B 92 -8.42 36.36 -16.76
CA ASP B 92 -9.00 36.60 -15.45
C ASP B 92 -8.23 35.88 -14.31
N GLY B 93 -7.06 35.35 -14.65
CA GLY B 93 -6.17 34.67 -13.72
C GLY B 93 -6.62 33.31 -13.22
N VAL B 94 -7.48 32.62 -13.99
CA VAL B 94 -8.00 31.30 -13.62
C VAL B 94 -7.37 30.19 -14.49
N ALA B 95 -6.68 29.23 -13.84
CA ALA B 95 -6.07 28.09 -14.54
C ALA B 95 -6.90 26.84 -14.31
N ASP B 96 -7.49 26.29 -15.38
CA ASP B 96 -8.30 25.07 -15.35
C ASP B 96 -7.36 23.88 -15.59
N VAL B 97 -7.04 23.14 -14.52
CA VAL B 97 -6.13 22.00 -14.55
C VAL B 97 -6.85 20.72 -14.96
N SER B 98 -6.24 19.98 -15.90
CA SER B 98 -6.68 18.69 -16.42
C SER B 98 -5.44 17.98 -16.99
N ILE B 99 -4.81 17.13 -16.15
CA ILE B 99 -3.56 16.41 -16.46
C ILE B 99 -3.71 14.90 -16.16
N GLU B 100 -3.11 14.07 -17.02
CA GLU B 100 -3.03 12.63 -16.82
C GLU B 100 -1.53 12.33 -16.83
N ASP B 101 -1.03 11.72 -15.74
CA ASP B 101 0.40 11.41 -15.60
C ASP B 101 0.66 9.99 -15.13
N SER B 102 1.59 9.29 -15.81
CA SER B 102 1.95 7.90 -15.51
C SER B 102 3.25 7.73 -14.70
N VAL B 103 3.92 8.84 -14.34
CA VAL B 103 5.16 8.79 -13.57
C VAL B 103 4.85 8.96 -12.08
N ILE B 104 3.97 9.91 -11.73
CA ILE B 104 3.51 10.11 -10.35
C ILE B 104 2.57 8.96 -9.97
N SER B 105 2.45 8.67 -8.67
CA SER B 105 1.57 7.63 -8.17
C SER B 105 1.02 8.02 -6.82
N LEU B 106 -0.10 7.40 -6.45
CA LEU B 106 -0.73 7.61 -5.15
C LEU B 106 -0.41 6.43 -4.19
N SER B 107 0.54 5.55 -4.58
CA SER B 107 1.05 4.42 -3.78
C SER B 107 2.47 4.01 -4.26
N GLY B 108 3.17 3.20 -3.45
CA GLY B 108 4.51 2.70 -3.76
C GLY B 108 5.66 3.69 -3.73
N ASP B 109 6.65 3.49 -4.63
CA ASP B 109 7.90 4.28 -4.76
C ASP B 109 7.71 5.73 -5.18
N HIS B 110 6.86 5.97 -6.19
CA HIS B 110 6.61 7.30 -6.72
C HIS B 110 5.38 7.95 -6.06
N CYS B 111 5.01 7.51 -4.82
CA CYS B 111 3.87 8.02 -4.06
C CYS B 111 4.03 9.49 -3.68
N ILE B 112 3.05 10.32 -4.09
CA ILE B 112 3.08 11.78 -3.85
C ILE B 112 2.20 12.21 -2.64
N ILE B 113 1.46 11.27 -2.01
CA ILE B 113 0.66 11.56 -0.80
C ILE B 113 1.64 11.93 0.33
N GLY B 114 1.37 13.04 1.01
CA GLY B 114 2.20 13.55 2.09
C GLY B 114 3.33 14.42 1.59
N ARG B 115 3.35 14.72 0.28
CA ARG B 115 4.34 15.61 -0.32
C ARG B 115 3.63 16.93 -0.66
N THR B 116 4.34 17.94 -1.16
CA THR B 116 3.75 19.25 -1.44
C THR B 116 3.63 19.53 -2.94
N LEU B 117 2.44 19.99 -3.37
CA LEU B 117 2.22 20.46 -4.73
C LEU B 117 2.41 21.97 -4.65
N VAL B 118 3.21 22.54 -5.57
CA VAL B 118 3.51 23.97 -5.62
C VAL B 118 3.16 24.55 -7.01
N VAL B 119 2.51 25.73 -7.02
CA VAL B 119 2.25 26.50 -8.24
C VAL B 119 3.26 27.67 -8.21
N HIS B 120 4.06 27.80 -9.29
CA HIS B 120 5.16 28.74 -9.38
C HIS B 120 4.84 30.09 -10.06
N GLU B 121 5.71 31.08 -9.78
CA GLU B 121 5.68 32.46 -10.26
C GLU B 121 5.70 32.56 -11.79
N LYS B 122 6.62 31.83 -12.43
CA LYS B 122 6.84 31.85 -13.87
C LYS B 122 6.64 30.49 -14.50
N ALA B 123 6.71 30.47 -15.84
CA ALA B 123 6.61 29.26 -16.62
C ALA B 123 7.82 28.38 -16.35
N ASP B 124 7.60 27.08 -16.35
CA ASP B 124 8.65 26.09 -16.24
C ASP B 124 9.15 25.94 -17.70
N ASP B 125 10.45 26.20 -17.92
CA ASP B 125 11.07 26.14 -19.26
C ASP B 125 11.29 24.70 -19.78
N LEU B 126 10.88 23.69 -18.98
CA LEU B 126 10.90 22.26 -19.25
C LEU B 126 12.32 21.70 -19.51
N GLY B 127 13.31 22.34 -18.89
CA GLY B 127 14.73 21.98 -18.96
C GLY B 127 15.45 22.46 -20.20
N LYS B 128 14.80 23.34 -20.99
CA LYS B 128 15.33 23.88 -22.26
C LYS B 128 15.49 25.41 -22.20
N GLY B 129 15.84 25.94 -21.02
CA GLY B 129 16.03 27.37 -20.76
C GLY B 129 17.43 27.88 -20.99
N GLY B 130 18.36 26.99 -21.35
CA GLY B 130 19.73 27.37 -21.67
C GLY B 130 20.63 27.84 -20.55
N ASN B 131 20.46 27.33 -19.31
CA ASN B 131 21.31 27.66 -18.15
C ASN B 131 21.29 26.56 -17.08
N GLU B 132 22.21 26.61 -16.10
CA GLU B 132 22.32 25.65 -14.99
C GLU B 132 21.02 25.51 -14.18
N GLU B 133 20.29 26.62 -13.95
CA GLU B 133 19.05 26.63 -13.18
C GLU B 133 17.91 25.87 -13.89
N SER B 134 17.87 25.95 -15.23
CA SER B 134 16.89 25.29 -16.10
C SER B 134 16.91 23.75 -15.94
N THR B 135 18.12 23.16 -15.80
CA THR B 135 18.29 21.71 -15.66
C THR B 135 17.93 21.23 -14.23
N LYS B 136 17.68 22.16 -13.29
CA LYS B 136 17.34 21.82 -11.89
C LYS B 136 15.89 22.13 -11.51
N THR B 137 15.43 23.36 -11.81
CA THR B 137 14.08 23.82 -11.40
C THR B 137 13.21 24.33 -12.57
N GLY B 138 13.82 24.48 -13.74
CA GLY B 138 13.14 24.96 -14.94
C GLY B 138 12.85 26.44 -14.95
N ASN B 139 13.60 27.22 -14.13
CA ASN B 139 13.48 28.69 -13.98
C ASN B 139 12.04 29.14 -13.69
N ALA B 140 11.30 28.35 -12.90
CA ALA B 140 9.90 28.64 -12.61
C ALA B 140 9.70 29.76 -11.55
N GLY B 141 10.79 30.20 -10.93
CA GLY B 141 10.78 31.29 -9.97
C GLY B 141 10.22 30.95 -8.60
N SER B 142 9.61 31.94 -7.95
CA SER B 142 9.03 31.86 -6.62
C SER B 142 7.87 30.87 -6.50
N ARG B 143 7.57 30.48 -5.27
CA ARG B 143 6.49 29.57 -4.94
C ARG B 143 5.29 30.43 -4.57
N LEU B 144 4.30 30.51 -5.48
CA LEU B 144 3.10 31.33 -5.25
C LEU B 144 2.18 30.75 -4.19
N ALA B 145 1.87 29.46 -4.31
CA ALA B 145 1.01 28.77 -3.34
C ALA B 145 1.39 27.30 -3.32
N CYS B 146 1.12 26.65 -2.19
CA CYS B 146 1.42 25.23 -1.98
C CYS B 146 0.46 24.61 -0.99
N GLY B 147 0.49 23.29 -0.92
CA GLY B 147 -0.34 22.51 0.00
C GLY B 147 0.13 21.08 0.08
N VAL B 148 -0.10 20.44 1.21
CA VAL B 148 0.29 19.04 1.39
C VAL B 148 -0.77 18.17 0.72
N ILE B 149 -0.35 17.17 -0.07
CA ILE B 149 -1.26 16.25 -0.76
C ILE B 149 -1.75 15.24 0.27
N GLY B 150 -3.06 15.26 0.52
CA GLY B 150 -3.66 14.39 1.51
C GLY B 150 -4.67 13.41 0.96
N ILE B 151 -4.91 12.33 1.71
CA ILE B 151 -5.87 11.27 1.37
C ILE B 151 -7.30 11.84 1.32
N ALA B 152 -8.01 11.61 0.20
CA ALA B 152 -9.38 12.08 0.03
C ALA B 152 -10.37 10.92 0.04
N GLN B 153 -11.65 11.23 0.27
CA GLN B 153 -12.73 10.25 0.30
C GLN B 153 -13.15 9.89 -1.14
N ALA C 1 -17.44 -12.46 0.58
CA ALA C 1 -16.33 -12.73 1.48
C ALA C 1 -15.09 -13.27 0.75
N THR C 2 -13.90 -12.79 1.15
CA THR C 2 -12.62 -13.21 0.55
C THR C 2 -12.27 -14.65 0.99
N LYS C 3 -11.84 -15.45 0.01
CA LYS C 3 -11.49 -16.86 0.18
C LYS C 3 -10.12 -17.19 -0.39
N ALA C 4 -9.43 -18.14 0.27
CA ALA C 4 -8.13 -18.64 -0.15
C ALA C 4 -8.11 -20.15 0.01
N VAL C 5 -7.26 -20.83 -0.77
CA VAL C 5 -7.11 -22.28 -0.77
C VAL C 5 -5.63 -22.67 -0.88
N CYS C 6 -5.28 -23.85 -0.34
CA CYS C 6 -3.93 -24.37 -0.37
C CYS C 6 -3.92 -25.88 -0.57
N VAL C 7 -3.13 -26.35 -1.55
CA VAL C 7 -2.96 -27.76 -1.85
C VAL C 7 -1.59 -28.13 -1.29
N LEU C 8 -1.57 -29.00 -0.31
CA LEU C 8 -0.35 -29.42 0.38
C LEU C 8 0.21 -30.67 -0.27
N LYS C 9 1.47 -30.61 -0.68
CA LYS C 9 2.19 -31.73 -1.29
C LYS C 9 3.66 -31.71 -0.83
N GLY C 10 4.27 -32.88 -0.86
CA GLY C 10 5.67 -33.07 -0.48
C GLY C 10 6.32 -34.26 -1.14
N ASP C 11 7.52 -34.61 -0.66
CA ASP C 11 8.32 -35.73 -1.16
C ASP C 11 7.79 -37.11 -0.74
N GLY C 12 7.02 -37.13 0.35
CA GLY C 12 6.41 -38.34 0.89
C GLY C 12 4.92 -38.46 0.59
N PRO C 13 4.16 -39.21 1.42
CA PRO C 13 2.73 -39.39 1.12
C PRO C 13 1.80 -38.35 1.76
N VAL C 14 2.38 -37.31 2.39
CA VAL C 14 1.59 -36.25 3.06
C VAL C 14 0.96 -35.34 2.01
N GLN C 15 -0.38 -35.36 1.94
CA GLN C 15 -1.13 -34.53 0.99
C GLN C 15 -2.46 -34.06 1.56
N GLY C 16 -2.90 -32.87 1.15
CA GLY C 16 -4.16 -32.33 1.64
C GLY C 16 -4.63 -31.05 0.99
N ILE C 17 -5.82 -30.58 1.41
CA ILE C 17 -6.45 -29.35 0.94
C ILE C 17 -6.90 -28.55 2.14
N ILE C 18 -6.44 -27.29 2.22
CA ILE C 18 -6.81 -26.36 3.30
C ILE C 18 -7.46 -25.11 2.71
N ASN C 19 -8.64 -24.74 3.25
CA ASN C 19 -9.44 -23.59 2.86
C ASN C 19 -9.33 -22.53 3.94
N PHE C 20 -9.40 -21.25 3.52
CA PHE C 20 -9.36 -20.06 4.36
C PHE C 20 -10.53 -19.18 3.96
N GLU C 21 -11.26 -18.65 4.95
CA GLU C 21 -12.39 -17.76 4.70
C GLU C 21 -12.40 -16.63 5.72
N GLN C 22 -12.51 -15.38 5.24
CA GLN C 22 -12.57 -14.18 6.07
C GLN C 22 -13.72 -13.30 5.61
N LYS C 23 -14.81 -13.27 6.39
CA LYS C 23 -16.02 -12.48 6.12
C LYS C 23 -15.79 -10.96 6.14
N GLU C 24 -14.92 -10.48 7.06
CA GLU C 24 -14.59 -9.05 7.18
C GLU C 24 -13.10 -8.83 7.39
N SER C 25 -12.56 -7.76 6.76
CA SER C 25 -11.16 -7.34 6.77
C SER C 25 -10.48 -7.42 8.15
N ASN C 26 -11.10 -6.80 9.18
CA ASN C 26 -10.59 -6.81 10.55
C ASN C 26 -11.25 -7.92 11.40
N GLY C 27 -11.53 -9.06 10.75
CA GLY C 27 -12.17 -10.21 11.38
C GLY C 27 -11.35 -11.50 11.35
N PRO C 28 -11.84 -12.56 12.02
CA PRO C 28 -11.06 -13.83 12.03
C PRO C 28 -11.14 -14.63 10.73
N VAL C 29 -10.11 -15.44 10.50
CA VAL C 29 -10.03 -16.33 9.34
C VAL C 29 -10.38 -17.75 9.78
N LYS C 30 -11.35 -18.37 9.11
CA LYS C 30 -11.76 -19.75 9.33
C LYS C 30 -10.86 -20.63 8.44
N VAL C 31 -10.14 -21.60 9.04
CA VAL C 31 -9.26 -22.47 8.27
C VAL C 31 -9.70 -23.93 8.51
N TRP C 32 -10.08 -24.61 7.42
CA TRP C 32 -10.58 -25.98 7.46
C TRP C 32 -10.18 -26.80 6.23
N GLY C 33 -10.34 -28.12 6.35
CA GLY C 33 -10.00 -29.07 5.30
C GLY C 33 -9.43 -30.35 5.85
N SER C 34 -8.76 -31.14 4.99
CA SER C 34 -8.20 -32.41 5.41
C SER C 34 -6.79 -32.67 4.88
N ILE C 35 -5.96 -33.33 5.70
CA ILE C 35 -4.59 -33.74 5.39
C ILE C 35 -4.46 -35.26 5.67
N LYS C 36 -3.94 -36.02 4.70
CA LYS C 36 -3.75 -37.47 4.84
C LYS C 36 -2.26 -37.86 4.70
N GLY C 37 -1.95 -39.13 5.00
CA GLY C 37 -0.61 -39.71 4.92
C GLY C 37 0.32 -39.35 6.07
N LEU C 38 -0.26 -38.81 7.14
CA LEU C 38 0.39 -38.33 8.36
C LEU C 38 0.58 -39.44 9.39
N THR C 39 1.58 -39.26 10.28
CA THR C 39 1.80 -40.20 11.40
C THR C 39 0.89 -39.70 12.53
N GLU C 40 0.32 -40.63 13.32
CA GLU C 40 -0.59 -40.28 14.42
C GLU C 40 0.05 -39.29 15.41
N GLY C 41 -0.74 -38.33 15.87
CA GLY C 41 -0.30 -37.30 16.80
C GLY C 41 -0.32 -35.90 16.21
N LEU C 42 0.22 -34.94 16.97
CA LEU C 42 0.29 -33.52 16.64
C LEU C 42 1.40 -33.16 15.65
N HIS C 43 1.08 -32.28 14.69
CA HIS C 43 2.02 -31.79 13.70
C HIS C 43 1.92 -30.27 13.61
N GLY C 44 3.06 -29.58 13.77
CA GLY C 44 3.15 -28.13 13.67
C GLY C 44 2.56 -27.64 12.36
N PHE C 45 1.70 -26.62 12.42
CA PHE C 45 0.99 -26.05 11.27
C PHE C 45 1.36 -24.56 11.19
N HIS C 46 2.20 -24.20 10.20
CA HIS C 46 2.69 -22.82 10.10
C HIS C 46 2.62 -22.18 8.73
N VAL C 47 2.37 -20.85 8.69
CA VAL C 47 2.43 -20.07 7.46
C VAL C 47 3.89 -19.57 7.44
N HIS C 48 4.60 -19.83 6.33
CA HIS C 48 5.98 -19.44 6.13
C HIS C 48 6.02 -18.26 5.18
N GLU C 49 7.05 -17.42 5.30
CA GLU C 49 7.21 -16.15 4.61
C GLU C 49 7.11 -16.20 3.08
N PHE C 50 7.80 -17.13 2.40
CA PHE C 50 7.81 -17.12 0.94
C PHE C 50 6.96 -18.20 0.29
N GLY C 51 6.30 -17.81 -0.80
CA GLY C 51 5.49 -18.70 -1.63
C GLY C 51 6.39 -19.30 -2.69
N ASP C 52 7.58 -19.73 -2.27
CA ASP C 52 8.66 -20.26 -3.09
C ASP C 52 8.79 -21.77 -2.81
N ASN C 53 8.47 -22.59 -3.82
CA ASN C 53 8.52 -24.06 -3.78
C ASN C 53 9.64 -24.62 -4.71
N THR C 54 10.58 -23.78 -5.17
CA THR C 54 11.66 -24.19 -6.09
C THR C 54 12.59 -25.28 -5.54
N ALA C 55 12.86 -25.26 -4.22
CA ALA C 55 13.71 -26.25 -3.53
C ALA C 55 12.85 -27.06 -2.55
N GLY C 56 11.60 -27.27 -2.94
CA GLY C 56 10.63 -27.96 -2.12
C GLY C 56 10.12 -27.04 -1.03
N CYS C 57 9.83 -27.60 0.15
CA CYS C 57 9.33 -26.86 1.30
C CYS C 57 10.42 -25.99 1.98
N THR C 58 11.71 -26.31 1.73
CA THR C 58 12.88 -25.61 2.27
C THR C 58 12.92 -24.12 1.84
N SER C 59 12.56 -23.85 0.58
CA SER C 59 12.57 -22.50 -0.02
C SER C 59 11.43 -21.59 0.49
N ALA C 60 10.49 -22.13 1.29
CA ALA C 60 9.40 -21.35 1.91
C ALA C 60 9.92 -20.37 2.98
N GLY C 61 11.16 -20.60 3.44
CA GLY C 61 11.84 -19.75 4.42
C GLY C 61 11.36 -19.90 5.85
N PRO C 62 11.56 -18.87 6.71
CA PRO C 62 11.14 -19.00 8.10
C PRO C 62 9.65 -18.77 8.30
N HIS C 63 9.17 -18.85 9.56
CA HIS C 63 7.78 -18.60 9.92
C HIS C 63 7.43 -17.16 9.55
N PHE C 64 6.24 -16.94 8.99
CA PHE C 64 5.81 -15.60 8.59
C PHE C 64 5.66 -14.71 9.82
N ASN C 65 6.52 -13.68 9.88
CA ASN C 65 6.58 -12.72 10.99
C ASN C 65 6.81 -11.29 10.45
N PRO C 66 5.74 -10.59 10.01
CA PRO C 66 5.92 -9.22 9.48
C PRO C 66 6.30 -8.16 10.51
N LEU C 67 5.97 -8.38 11.79
CA LEU C 67 6.26 -7.46 12.89
C LEU C 67 7.57 -7.82 13.58
N ARG C 79 3.75 -15.02 19.88
CA ARG C 79 3.63 -15.90 18.72
C ARG C 79 3.76 -15.16 17.39
N HIS C 80 4.32 -15.83 16.36
CA HIS C 80 4.44 -15.25 15.01
C HIS C 80 3.05 -15.25 14.37
N VAL C 81 2.83 -14.37 13.37
CA VAL C 81 1.57 -14.28 12.63
C VAL C 81 1.21 -15.64 11.98
N GLY C 82 2.20 -16.30 11.38
CA GLY C 82 2.02 -17.60 10.74
C GLY C 82 1.79 -18.81 11.63
N ASP C 83 1.96 -18.68 12.97
CA ASP C 83 1.79 -19.78 13.92
C ASP C 83 0.32 -20.21 14.12
N LEU C 84 -0.08 -21.31 13.45
CA LEU C 84 -1.46 -21.82 13.55
C LEU C 84 -1.59 -22.99 14.53
N GLY C 85 -0.58 -23.17 15.39
CA GLY C 85 -0.54 -24.24 16.38
C GLY C 85 -0.19 -25.57 15.74
N ASN C 86 -0.99 -26.61 16.04
CA ASN C 86 -0.81 -27.95 15.47
C ASN C 86 -2.05 -28.42 14.76
N VAL C 87 -1.90 -29.49 13.96
CA VAL C 87 -2.98 -30.25 13.34
C VAL C 87 -2.87 -31.64 13.97
N THR C 88 -3.98 -32.40 14.08
CA THR C 88 -3.90 -33.73 14.72
C THR C 88 -4.43 -34.85 13.80
N ALA C 89 -3.53 -35.78 13.46
CA ALA C 89 -3.81 -36.95 12.64
C ALA C 89 -4.35 -38.05 13.53
N ASP C 90 -5.31 -38.83 13.02
CA ASP C 90 -5.87 -39.96 13.76
C ASP C 90 -5.05 -41.22 13.42
N LYS C 91 -5.53 -42.42 13.85
CA LYS C 91 -4.91 -43.73 13.63
C LYS C 91 -4.72 -44.09 12.15
N ASP C 92 -5.54 -43.49 11.26
CA ASP C 92 -5.50 -43.71 9.80
C ASP C 92 -4.62 -42.67 9.09
N GLY C 93 -4.09 -41.74 9.87
CA GLY C 93 -3.23 -40.67 9.37
C GLY C 93 -3.98 -39.52 8.75
N VAL C 94 -5.28 -39.39 9.08
CA VAL C 94 -6.14 -38.32 8.57
C VAL C 94 -6.36 -37.24 9.62
N ALA C 95 -5.98 -35.99 9.29
CA ALA C 95 -6.17 -34.83 10.15
C ALA C 95 -7.32 -33.99 9.62
N ASP C 96 -8.41 -33.90 10.40
CA ASP C 96 -9.59 -33.13 10.05
C ASP C 96 -9.35 -31.76 10.66
N VAL C 97 -9.07 -30.78 9.79
CA VAL C 97 -8.70 -29.45 10.26
C VAL C 97 -9.90 -28.52 10.39
N SER C 98 -9.96 -27.82 11.52
CA SER C 98 -10.95 -26.81 11.84
C SER C 98 -10.25 -25.88 12.83
N ILE C 99 -9.93 -24.66 12.38
CA ILE C 99 -9.22 -23.64 13.16
C ILE C 99 -9.86 -22.28 12.88
N GLU C 100 -9.89 -21.42 13.90
CA GLU C 100 -10.32 -20.04 13.75
C GLU C 100 -9.19 -19.16 14.30
N ASP C 101 -8.57 -18.34 13.44
CA ASP C 101 -7.45 -17.48 13.83
C ASP C 101 -7.72 -16.00 13.58
N SER C 102 -7.44 -15.16 14.60
CA SER C 102 -7.64 -13.71 14.56
C SER C 102 -6.38 -12.88 14.30
N VAL C 103 -5.21 -13.54 14.11
CA VAL C 103 -3.93 -12.87 13.83
C VAL C 103 -3.64 -12.87 12.30
N ILE C 104 -3.91 -14.00 11.61
CA ILE C 104 -3.75 -14.08 10.15
C ILE C 104 -4.87 -13.32 9.47
N SER C 105 -4.63 -12.91 8.21
CA SER C 105 -5.63 -12.19 7.42
C SER C 105 -5.47 -12.53 5.93
N LEU C 106 -6.49 -12.19 5.14
CA LEU C 106 -6.47 -12.38 3.69
C LEU C 106 -6.34 -11.01 2.99
N SER C 107 -5.87 -9.99 3.75
CA SER C 107 -5.62 -8.60 3.34
C SER C 107 -4.71 -7.91 4.37
N GLY C 108 -4.23 -6.72 4.03
CA GLY C 108 -3.42 -5.89 4.93
C GLY C 108 -2.02 -6.40 5.20
N ASP C 109 -1.41 -5.89 6.29
CA ASP C 109 -0.04 -6.22 6.73
C ASP C 109 0.15 -7.69 7.15
N HIS C 110 -0.93 -8.38 7.55
CA HIS C 110 -0.90 -9.78 8.00
C HIS C 110 -1.38 -10.75 6.91
N CYS C 111 -1.52 -10.26 5.64
CA CYS C 111 -1.98 -11.08 4.52
C CYS C 111 -1.08 -12.28 4.26
N ILE C 112 -1.70 -13.47 4.16
CA ILE C 112 -0.98 -14.74 3.98
C ILE C 112 -1.10 -15.31 2.55
N ILE C 113 -1.86 -14.60 1.67
CA ILE C 113 -2.00 -14.98 0.26
C ILE C 113 -0.65 -14.82 -0.43
N GLY C 114 -0.22 -15.86 -1.16
CA GLY C 114 1.06 -15.85 -1.86
C GLY C 114 2.20 -16.36 -0.99
N ARG C 115 1.89 -16.76 0.25
CA ARG C 115 2.87 -17.31 1.18
C ARG C 115 2.67 -18.84 1.21
N THR C 116 3.47 -19.58 2.00
CA THR C 116 3.38 -21.03 2.02
C THR C 116 2.84 -21.59 3.32
N LEU C 117 1.87 -22.50 3.24
CA LEU C 117 1.35 -23.21 4.39
C LEU C 117 2.16 -24.50 4.48
N VAL C 118 2.70 -24.80 5.68
CA VAL C 118 3.53 -25.98 5.91
C VAL C 118 3.01 -26.83 7.08
N VAL C 119 2.99 -28.15 6.89
CA VAL C 119 2.69 -29.16 7.91
C VAL C 119 4.04 -29.81 8.29
N HIS C 120 4.42 -29.74 9.57
CA HIS C 120 5.71 -30.22 10.07
C HIS C 120 5.69 -31.63 10.60
N GLU C 121 6.88 -32.23 10.69
CA GLU C 121 7.08 -33.60 11.21
C GLU C 121 6.78 -33.64 12.71
N LYS C 122 7.39 -32.74 13.49
CA LYS C 122 7.21 -32.69 14.94
C LYS C 122 6.18 -31.66 15.38
N ALA C 123 5.69 -31.83 16.62
CA ALA C 123 4.71 -30.96 17.27
C ALA C 123 5.34 -29.62 17.66
N ASP C 124 4.54 -28.55 17.59
CA ASP C 124 4.92 -27.18 17.92
C ASP C 124 4.61 -26.89 19.39
N GLY C 141 10.76 -30.30 13.22
CA GLY C 141 11.85 -30.95 12.52
C GLY C 141 11.78 -30.76 11.01
N SER C 142 11.54 -31.85 10.26
CA SER C 142 11.43 -31.81 8.80
C SER C 142 10.09 -31.22 8.34
N ARG C 143 10.04 -30.65 7.12
CA ARG C 143 8.81 -30.09 6.57
C ARG C 143 8.16 -31.16 5.69
N LEU C 144 7.04 -31.74 6.17
CA LEU C 144 6.34 -32.86 5.53
C LEU C 144 5.70 -32.51 4.20
N ALA C 145 4.86 -31.47 4.17
CA ALA C 145 4.21 -31.00 2.95
C ALA C 145 3.96 -29.51 3.03
N CYS C 146 3.82 -28.89 1.86
CA CYS C 146 3.58 -27.46 1.75
C CYS C 146 2.82 -27.12 0.50
N GLY C 147 2.28 -25.92 0.48
CA GLY C 147 1.60 -25.37 -0.69
C GLY C 147 1.56 -23.86 -0.63
N VAL C 148 1.46 -23.22 -1.81
CA VAL C 148 1.33 -21.76 -1.88
C VAL C 148 -0.15 -21.42 -1.64
N ILE C 149 -0.42 -20.44 -0.77
CA ILE C 149 -1.80 -20.04 -0.50
C ILE C 149 -2.29 -19.16 -1.64
N GLY C 150 -3.30 -19.63 -2.36
CA GLY C 150 -3.85 -18.90 -3.50
C GLY C 150 -5.27 -18.44 -3.32
N ILE C 151 -5.67 -17.42 -4.10
CA ILE C 151 -7.02 -16.84 -4.11
C ILE C 151 -8.02 -17.89 -4.63
N ALA C 152 -9.07 -18.19 -3.83
CA ALA C 152 -10.09 -19.16 -4.20
C ALA C 152 -11.39 -18.46 -4.62
N GLN C 153 -12.24 -19.19 -5.37
CA GLN C 153 -13.54 -18.73 -5.86
C GLN C 153 -14.55 -18.50 -4.72
N ALA D 1 12.25 -3.35 -4.82
CA ALA D 1 11.89 -4.27 -5.89
C ALA D 1 11.16 -5.51 -5.36
N THR D 2 9.88 -5.66 -5.74
CA THR D 2 9.05 -6.80 -5.33
C THR D 2 9.28 -7.98 -6.30
N LYS D 3 9.39 -9.20 -5.74
CA LYS D 3 9.66 -10.42 -6.49
C LYS D 3 8.62 -11.52 -6.23
N ALA D 4 8.34 -12.29 -7.28
CA ALA D 4 7.44 -13.44 -7.21
C ALA D 4 8.05 -14.59 -8.01
N VAL D 5 7.63 -15.82 -7.69
CA VAL D 5 8.12 -17.06 -8.33
C VAL D 5 6.96 -18.05 -8.43
N CYS D 6 7.01 -18.86 -9.49
CA CYS D 6 5.99 -19.85 -9.77
C CYS D 6 6.61 -21.15 -10.27
N VAL D 7 6.28 -22.26 -9.61
CA VAL D 7 6.75 -23.60 -9.99
C VAL D 7 5.61 -24.22 -10.79
N LEU D 8 5.88 -24.55 -12.06
CA LEU D 8 4.91 -25.16 -12.97
C LEU D 8 5.02 -26.69 -12.97
N LYS D 9 3.90 -27.37 -12.72
CA LYS D 9 3.76 -28.83 -12.74
C LYS D 9 2.39 -29.16 -13.31
N GLY D 10 2.27 -30.34 -13.90
CA GLY D 10 1.03 -30.86 -14.49
C GLY D 10 0.95 -32.37 -14.36
N ASP D 11 0.03 -32.99 -15.10
CA ASP D 11 -0.15 -34.44 -15.11
C ASP D 11 0.89 -35.09 -16.02
N GLY D 12 1.34 -34.34 -17.02
CA GLY D 12 2.35 -34.76 -18.01
C GLY D 12 3.77 -34.39 -17.62
N PRO D 13 4.70 -34.32 -18.60
CA PRO D 13 6.10 -34.01 -18.27
C PRO D 13 6.45 -32.50 -18.20
N VAL D 14 5.48 -31.61 -18.48
CA VAL D 14 5.70 -30.16 -18.50
C VAL D 14 6.06 -29.62 -17.11
N GLN D 15 7.28 -29.09 -16.97
CA GLN D 15 7.75 -28.54 -15.69
C GLN D 15 8.68 -27.36 -15.89
N GLY D 16 8.63 -26.42 -14.95
CA GLY D 16 9.46 -25.22 -15.01
C GLY D 16 9.35 -24.29 -13.82
N ILE D 17 10.21 -23.26 -13.83
CA ILE D 17 10.30 -22.20 -12.82
C ILE D 17 10.24 -20.87 -13.55
N ILE D 18 9.21 -20.07 -13.23
CA ILE D 18 9.01 -18.73 -13.80
C ILE D 18 9.09 -17.69 -12.68
N ASN D 19 10.01 -16.74 -12.86
CA ASN D 19 10.27 -15.63 -11.96
C ASN D 19 9.59 -14.39 -12.46
N PHE D 20 9.25 -13.49 -11.52
CA PHE D 20 8.61 -12.20 -11.75
C PHE D 20 9.36 -11.15 -10.93
N GLU D 21 9.57 -9.96 -11.50
CA GLU D 21 10.22 -8.85 -10.81
C GLU D 21 9.61 -7.52 -11.23
N GLN D 22 9.31 -6.67 -10.24
CA GLN D 22 8.75 -5.34 -10.48
C GLN D 22 9.50 -4.34 -9.61
N LYS D 23 10.31 -3.49 -10.25
CA LYS D 23 11.15 -2.47 -9.62
C LYS D 23 10.33 -1.35 -8.96
N GLU D 24 9.27 -0.87 -9.64
CA GLU D 24 8.37 0.18 -9.15
C GLU D 24 6.92 -0.30 -9.26
N SER D 25 6.06 0.08 -8.27
CA SER D 25 4.65 -0.31 -8.21
C SER D 25 3.84 0.10 -9.45
N ASN D 26 4.17 1.25 -10.07
CA ASN D 26 3.49 1.72 -11.28
C ASN D 26 4.32 1.40 -12.56
N GLY D 27 5.31 0.53 -12.41
CA GLY D 27 6.21 0.12 -13.48
C GLY D 27 6.00 -1.28 -14.04
N PRO D 28 6.69 -1.61 -15.15
CA PRO D 28 6.52 -2.94 -15.77
C PRO D 28 7.02 -4.11 -14.94
N VAL D 29 6.52 -5.30 -15.26
CA VAL D 29 6.91 -6.55 -14.59
C VAL D 29 7.76 -7.38 -15.56
N LYS D 30 8.97 -7.78 -15.10
CA LYS D 30 9.88 -8.64 -15.84
C LYS D 30 9.52 -10.11 -15.51
N VAL D 31 9.32 -10.94 -16.54
CA VAL D 31 8.96 -12.35 -16.34
C VAL D 31 9.92 -13.24 -17.14
N TRP D 32 10.69 -14.05 -16.42
CA TRP D 32 11.71 -14.92 -17.02
C TRP D 32 11.83 -16.27 -16.34
N GLY D 33 12.43 -17.22 -17.03
CA GLY D 33 12.64 -18.57 -16.53
C GLY D 33 12.73 -19.60 -17.63
N SER D 34 12.53 -20.87 -17.27
CA SER D 34 12.62 -21.97 -18.24
C SER D 34 11.58 -23.04 -17.94
N ILE D 35 11.04 -23.65 -19.01
CA ILE D 35 10.00 -24.70 -18.99
C ILE D 35 10.45 -25.81 -19.95
N LYS D 36 10.45 -27.05 -19.47
CA LYS D 36 10.83 -28.22 -20.28
C LYS D 36 9.66 -29.20 -20.38
N GLY D 37 9.78 -30.20 -21.26
CA GLY D 37 8.76 -31.23 -21.47
C GLY D 37 7.69 -30.84 -22.46
N LEU D 38 7.91 -29.71 -23.15
CA LEU D 38 7.01 -29.12 -24.13
C LEU D 38 7.29 -29.64 -25.53
N THR D 39 6.24 -29.67 -26.37
CA THR D 39 6.41 -30.04 -27.78
C THR D 39 6.98 -28.79 -28.44
N GLU D 40 7.88 -28.95 -29.42
CA GLU D 40 8.48 -27.82 -30.13
C GLU D 40 7.39 -26.91 -30.69
N GLY D 41 7.54 -25.59 -30.47
CA GLY D 41 6.60 -24.60 -30.96
C GLY D 41 6.02 -23.67 -29.92
N LEU D 42 4.95 -22.96 -30.30
CA LEU D 42 4.23 -21.95 -29.51
C LEU D 42 3.20 -22.56 -28.55
N HIS D 43 3.19 -22.07 -27.29
CA HIS D 43 2.25 -22.53 -26.26
C HIS D 43 1.69 -21.35 -25.50
N GLY D 44 0.36 -21.25 -25.44
CA GLY D 44 -0.33 -20.19 -24.72
C GLY D 44 0.18 -20.09 -23.28
N PHE D 45 0.40 -18.85 -22.81
CA PHE D 45 0.97 -18.54 -21.50
C PHE D 45 0.07 -17.50 -20.80
N HIS D 46 -0.77 -17.96 -19.86
CA HIS D 46 -1.74 -17.08 -19.20
C HIS D 46 -1.76 -17.14 -17.70
N VAL D 47 -2.12 -16.01 -17.07
CA VAL D 47 -2.37 -15.92 -15.64
C VAL D 47 -3.88 -16.13 -15.54
N HIS D 48 -4.30 -17.14 -14.77
CA HIS D 48 -5.69 -17.48 -14.53
C HIS D 48 -6.13 -16.92 -13.15
N GLU D 49 -7.42 -16.55 -13.04
CA GLU D 49 -8.05 -15.89 -11.89
C GLU D 49 -7.79 -16.53 -10.51
N PHE D 50 -7.91 -17.86 -10.39
CA PHE D 50 -7.76 -18.46 -9.06
C PHE D 50 -6.47 -19.24 -8.85
N GLY D 51 -5.91 -19.13 -7.63
CA GLY D 51 -4.74 -19.86 -7.18
C GLY D 51 -5.19 -21.17 -6.54
N ASP D 52 -6.07 -21.87 -7.28
CA ASP D 52 -6.73 -23.11 -6.87
C ASP D 52 -6.25 -24.27 -7.76
N ASN D 53 -5.49 -25.18 -7.16
CA ASN D 53 -4.95 -26.37 -7.82
C ASN D 53 -5.57 -27.67 -7.24
N THR D 54 -6.75 -27.56 -6.58
CA THR D 54 -7.43 -28.71 -5.95
C THR D 54 -7.81 -29.79 -6.95
N ALA D 55 -8.20 -29.41 -8.19
CA ALA D 55 -8.56 -30.32 -9.27
C ALA D 55 -7.62 -30.15 -10.47
N GLY D 56 -6.33 -29.99 -10.18
CA GLY D 56 -5.32 -29.79 -11.20
C GLY D 56 -5.32 -28.36 -11.73
N CYS D 57 -5.11 -28.21 -13.03
CA CYS D 57 -5.07 -26.89 -13.65
C CYS D 57 -6.46 -26.35 -14.00
N THR D 58 -7.48 -27.24 -14.06
CA THR D 58 -8.87 -26.91 -14.35
C THR D 58 -9.47 -25.93 -13.32
N SER D 59 -9.13 -26.13 -12.03
CA SER D 59 -9.64 -25.34 -10.91
C SER D 59 -9.11 -23.89 -10.85
N ALA D 60 -8.09 -23.56 -11.66
CA ALA D 60 -7.52 -22.22 -11.76
C ALA D 60 -8.50 -21.20 -12.39
N GLY D 61 -9.62 -21.69 -12.91
CA GLY D 61 -10.69 -20.88 -13.49
C GLY D 61 -10.35 -20.26 -14.83
N PRO D 62 -11.01 -19.14 -15.20
CA PRO D 62 -10.74 -18.51 -16.51
C PRO D 62 -9.49 -17.62 -16.49
N HIS D 63 -9.16 -16.98 -17.64
CA HIS D 63 -8.05 -16.04 -17.78
C HIS D 63 -8.28 -14.89 -16.81
N PHE D 64 -7.22 -14.40 -16.13
CA PHE D 64 -7.35 -13.31 -15.18
C PHE D 64 -7.73 -12.01 -15.90
N ASN D 65 -8.94 -11.52 -15.61
CA ASN D 65 -9.50 -10.32 -16.21
C ASN D 65 -10.37 -9.59 -15.17
N PRO D 66 -9.76 -8.71 -14.32
CA PRO D 66 -10.54 -8.02 -13.28
C PRO D 66 -11.60 -7.04 -13.79
N LEU D 67 -11.41 -6.49 -15.02
CA LEU D 67 -12.34 -5.53 -15.62
C LEU D 67 -13.22 -6.20 -16.67
N ARG D 79 -7.42 -7.28 -24.70
CA ARG D 79 -6.73 -8.39 -24.05
C ARG D 79 -7.01 -8.47 -22.57
N HIS D 80 -6.96 -9.70 -22.00
CA HIS D 80 -7.13 -9.90 -20.56
C HIS D 80 -5.82 -9.51 -19.87
N VAL D 81 -5.89 -9.11 -18.59
CA VAL D 81 -4.70 -8.76 -17.79
C VAL D 81 -3.71 -9.96 -17.76
N GLY D 82 -4.24 -11.17 -17.57
CA GLY D 82 -3.46 -12.40 -17.54
C GLY D 82 -2.80 -12.84 -18.84
N ASP D 83 -3.16 -12.22 -19.99
CA ASP D 83 -2.64 -12.59 -21.33
C ASP D 83 -1.15 -12.25 -21.54
N LEU D 84 -0.27 -13.25 -21.33
CA LEU D 84 1.17 -13.05 -21.50
C LEU D 84 1.69 -13.63 -22.83
N GLY D 85 0.81 -13.70 -23.84
CA GLY D 85 1.09 -14.22 -25.17
C GLY D 85 1.35 -15.72 -25.20
N ASN D 86 2.47 -16.10 -25.82
CA ASN D 86 2.91 -17.49 -25.97
C ASN D 86 4.34 -17.65 -25.47
N VAL D 87 4.70 -18.89 -25.14
CA VAL D 87 6.07 -19.32 -24.86
C VAL D 87 6.50 -20.22 -26.02
N THR D 88 7.78 -20.23 -26.36
CA THR D 88 8.25 -21.01 -27.51
C THR D 88 9.31 -22.02 -27.11
N ALA D 89 8.98 -23.29 -27.35
CA ALA D 89 9.84 -24.43 -27.03
C ALA D 89 10.74 -24.76 -28.20
N ASP D 90 12.02 -25.05 -27.91
CA ASP D 90 13.01 -25.43 -28.92
C ASP D 90 12.80 -26.91 -29.29
N LYS D 91 13.68 -27.47 -30.14
CA LYS D 91 13.67 -28.86 -30.60
C LYS D 91 13.84 -29.90 -29.46
N ASP D 92 14.43 -29.48 -28.32
CA ASP D 92 14.63 -30.34 -27.14
C ASP D 92 13.46 -30.17 -26.15
N GLY D 93 12.50 -29.34 -26.52
CA GLY D 93 11.32 -29.07 -25.72
C GLY D 93 11.53 -28.05 -24.60
N VAL D 94 12.59 -27.26 -24.70
CA VAL D 94 12.92 -26.25 -23.70
C VAL D 94 12.49 -24.86 -24.20
N ALA D 95 11.58 -24.24 -23.44
CA ALA D 95 11.06 -22.90 -23.68
C ALA D 95 11.71 -21.93 -22.73
N ASP D 96 12.63 -21.10 -23.23
CA ASP D 96 13.26 -20.07 -22.42
C ASP D 96 12.40 -18.82 -22.49
N VAL D 97 11.98 -18.34 -21.32
CA VAL D 97 11.07 -17.22 -21.22
C VAL D 97 11.77 -15.92 -20.85
N SER D 98 11.40 -14.82 -21.54
CA SER D 98 11.83 -13.45 -21.29
C SER D 98 10.75 -12.51 -21.81
N ILE D 99 9.88 -12.03 -20.90
CA ILE D 99 8.75 -11.15 -21.20
C ILE D 99 8.79 -9.90 -20.29
N GLU D 100 8.39 -8.75 -20.85
CA GLU D 100 8.21 -7.49 -20.12
C GLU D 100 6.74 -7.14 -20.35
N ASP D 101 5.99 -6.94 -19.26
CA ASP D 101 4.57 -6.62 -19.33
C ASP D 101 4.18 -5.45 -18.41
N SER D 102 3.37 -4.53 -18.94
CA SER D 102 2.91 -3.33 -18.24
C SER D 102 1.47 -3.42 -17.71
N VAL D 103 0.75 -4.50 -18.05
CA VAL D 103 -0.64 -4.70 -17.64
C VAL D 103 -0.70 -5.46 -16.31
N ILE D 104 0.12 -6.52 -16.15
CA ILE D 104 0.20 -7.28 -14.90
C ILE D 104 0.96 -6.45 -13.84
N SER D 105 0.75 -6.78 -12.56
CA SER D 105 1.44 -6.12 -11.44
C SER D 105 1.68 -7.10 -10.30
N LEU D 106 2.65 -6.81 -9.43
CA LEU D 106 2.91 -7.64 -8.25
C LEU D 106 2.29 -7.01 -6.98
N SER D 107 1.41 -5.97 -7.16
CA SER D 107 0.64 -5.28 -6.11
C SER D 107 -0.62 -4.58 -6.68
N GLY D 108 -1.53 -4.14 -5.80
CA GLY D 108 -2.75 -3.43 -6.19
C GLY D 108 -3.80 -4.23 -6.97
N ASP D 109 -4.58 -3.52 -7.83
CA ASP D 109 -5.69 -4.06 -8.62
C ASP D 109 -5.33 -5.21 -9.57
N HIS D 110 -4.22 -5.06 -10.31
CA HIS D 110 -3.80 -6.05 -11.30
C HIS D 110 -2.81 -7.08 -10.74
N CYS D 111 -2.76 -7.21 -9.39
CA CYS D 111 -1.86 -8.12 -8.70
C CYS D 111 -2.10 -9.58 -9.09
N ILE D 112 -1.02 -10.26 -9.50
CA ILE D 112 -1.07 -11.66 -9.93
C ILE D 112 -0.62 -12.64 -8.82
N ILE D 113 -0.08 -12.12 -7.70
CA ILE D 113 0.34 -12.96 -6.57
C ILE D 113 -0.91 -13.65 -5.99
N GLY D 114 -0.80 -14.96 -5.79
CA GLY D 114 -1.89 -15.79 -5.28
C GLY D 114 -2.75 -16.34 -6.40
N ARG D 115 -2.43 -15.99 -7.65
CA ARG D 115 -3.17 -16.50 -8.80
C ARG D 115 -2.33 -17.59 -9.50
N THR D 116 -2.87 -18.24 -10.53
CA THR D 116 -2.17 -19.36 -11.18
C THR D 116 -1.65 -19.01 -12.55
N LEU D 117 -0.38 -19.34 -12.80
CA LEU D 117 0.24 -19.21 -14.12
C LEU D 117 0.04 -20.56 -14.83
N VAL D 118 -0.42 -20.53 -16.10
CA VAL D 118 -0.71 -21.75 -16.86
C VAL D 118 -0.08 -21.74 -18.25
N VAL D 119 0.57 -22.85 -18.61
CA VAL D 119 1.11 -23.10 -19.94
C VAL D 119 0.13 -24.06 -20.66
N HIS D 120 -0.42 -23.62 -21.81
CA HIS D 120 -1.43 -24.36 -22.56
C HIS D 120 -0.86 -25.23 -23.66
N GLU D 121 -1.60 -26.30 -24.03
CA GLU D 121 -1.24 -27.24 -25.09
C GLU D 121 -1.07 -26.53 -26.44
N LYS D 122 -2.08 -25.75 -26.86
CA LYS D 122 -2.08 -25.05 -28.15
C LYS D 122 -1.65 -23.59 -28.06
N ALA D 123 -1.22 -23.03 -29.19
CA ALA D 123 -0.81 -21.63 -29.33
C ALA D 123 -2.03 -20.72 -29.17
N ASP D 124 -1.82 -19.55 -28.54
CA ASP D 124 -2.84 -18.54 -28.32
C ASP D 124 -3.10 -17.70 -29.59
N GLY D 141 -5.83 -24.98 -25.81
CA GLY D 141 -6.70 -26.09 -25.44
C GLY D 141 -6.46 -26.57 -24.02
N SER D 142 -5.99 -27.84 -23.90
CA SER D 142 -5.66 -28.50 -22.62
C SER D 142 -4.60 -27.71 -21.82
N ARG D 143 -4.75 -27.69 -20.50
CA ARG D 143 -3.82 -27.00 -19.61
C ARG D 143 -2.70 -27.97 -19.26
N LEU D 144 -1.49 -27.72 -19.77
CA LEU D 144 -0.34 -28.62 -19.61
C LEU D 144 0.26 -28.65 -18.23
N ALA D 145 0.58 -27.47 -17.69
CA ALA D 145 1.15 -27.35 -16.35
C ALA D 145 0.71 -26.04 -15.76
N CYS D 146 0.74 -25.94 -14.42
CA CYS D 146 0.34 -24.74 -13.73
C CYS D 146 1.02 -24.61 -12.39
N GLY D 147 0.87 -23.45 -11.79
CA GLY D 147 1.40 -23.20 -10.46
C GLY D 147 0.89 -21.92 -9.87
N VAL D 148 0.81 -21.89 -8.54
CA VAL D 148 0.36 -20.69 -7.83
C VAL D 148 1.53 -19.70 -7.71
N ILE D 149 1.31 -18.45 -8.14
CA ILE D 149 2.31 -17.38 -8.07
C ILE D 149 2.48 -16.93 -6.61
N GLY D 150 3.65 -17.20 -6.07
CA GLY D 150 3.97 -16.87 -4.69
C GLY D 150 5.03 -15.82 -4.54
N ILE D 151 5.08 -15.20 -3.35
CA ILE D 151 6.03 -14.16 -2.95
C ILE D 151 7.43 -14.76 -2.84
N ALA D 152 8.44 -14.09 -3.41
CA ALA D 152 9.82 -14.58 -3.36
C ALA D 152 10.73 -13.61 -2.61
N GLN D 153 11.87 -14.12 -2.09
CA GLN D 153 12.88 -13.35 -1.36
C GLN D 153 13.57 -12.33 -2.28
C3 D7Z E . -0.87 2.60 2.70
C6 D7Z E . -2.42 5.13 3.13
N1 D7Z E . -0.30 6.19 3.93
C1 D7Z E . -0.89 5.11 3.10
C2 D7Z E . -0.34 3.75 3.57
C4 D7Z E . -2.40 2.60 2.63
C5 D7Z E . -3.01 3.98 2.31
N2 D7Z E . 1.12 3.78 3.64
PT8 D7Z E . 1.63 5.67 4.25
CL1 D7Z E . 3.94 4.99 4.56
C3 D7Z F . 5.88 4.54 0.86
C6 D7Z F . 6.21 7.44 1.51
N1 D7Z F . 3.81 7.75 0.90
C1 D7Z F . 4.82 6.79 1.37
C2 D7Z F . 4.87 5.59 0.41
C4 D7Z F . 7.28 5.15 1.06
C5 D7Z F . 7.28 6.42 1.93
N2 D7Z F . 3.51 5.04 0.26
PT8 D7Z F . 2.25 6.63 0.23
CL1 D7Z F . 0.40 5.26 -0.54
C3 D7Z G . 0.19 -6.58 0.66
C6 D7Z G . 1.77 -9.12 0.58
N1 D7Z G . -0.37 -10.33 0.29
C1 D7Z G . 0.32 -9.05 0.10
C2 D7Z G . -0.46 -7.95 0.83
C4 D7Z G . 1.67 -6.60 1.07
C5 D7Z G . 2.47 -7.75 0.45
N2 D7Z G . -1.87 -7.98 0.39
PT8 D7Z G . -2.35 -9.93 0.08
CL1 D7Z G . -4.70 -9.40 -0.27
C3 D7Z H . -5.22 -6.88 -3.37
C6 D7Z H . -5.64 -9.57 -4.63
N1 D7Z H . -3.16 -9.86 -4.60
C1 D7Z H . -4.30 -9.16 -3.98
C2 D7Z H . -4.09 -7.64 -4.08
C4 D7Z H . -6.60 -7.27 -3.94
C5 D7Z H . -6.82 -8.80 -4.02
N2 D7Z H . -2.76 -7.30 -3.54
PT8 D7Z H . -1.49 -8.76 -4.18
CL1 D7Z H . 0.47 -7.45 -3.62
#